data_3H9X
#
_entry.id   3H9X
#
_cell.length_a   44.302
_cell.length_b   48.546
_cell.length_c   68.047
_cell.angle_alpha   87.070
_cell.angle_beta   92.400
_cell.angle_gamma   93.570
#
_symmetry.space_group_name_H-M   'P 1'
#
loop_
_entity.id
_entity.type
_entity.pdbx_description
1 polymer 'uncharacterized protein PSPTO_3016'
2 water water
#
_entity_poly.entity_id   1
_entity_poly.type   'polypeptide(L)'
_entity_poly.pdbx_seq_one_letter_code
;(MSE)NRQQFIDYAQKKYDTKPDHPWEKFPDYAVFRHSDNDKWYALL(MSE)DIPAEKIGINGDKRVDVIDLKVQPELVG
SLRKKPGIYPAYH(MSE)NKEHWITVLLNGPLGAKEIHSLIEDSFQLTRLEHHHHHH
;
_entity_poly.pdbx_strand_id   A,B,C,D
#
# COMPACT_ATOMS: atom_id res chain seq x y z
N MSE A 1 1.46 6.73 -9.59
CA MSE A 1 1.10 7.87 -10.47
C MSE A 1 1.18 9.15 -9.67
O MSE A 1 0.75 9.21 -8.52
CB MSE A 1 -0.32 7.68 -11.01
CG MSE A 1 -0.75 8.71 -12.03
SE MSE A 1 -2.60 8.48 -12.57
CE MSE A 1 -3.42 9.45 -11.12
N ASN A 2 1.71 10.20 -10.30
CA ASN A 2 1.87 11.50 -9.63
C ASN A 2 0.98 12.57 -10.21
N ARG A 3 0.97 13.72 -9.53
CA ARG A 3 0.18 14.89 -9.91
C ARG A 3 0.27 15.21 -11.40
N GLN A 4 1.50 15.23 -11.93
CA GLN A 4 1.74 15.53 -13.33
C GLN A 4 1.09 14.52 -14.29
N GLN A 5 1.46 13.25 -14.14
CA GLN A 5 0.94 12.19 -15.00
C GLN A 5 -0.58 12.13 -15.00
N PHE A 6 -1.17 12.53 -13.87
CA PHE A 6 -2.61 12.54 -13.73
C PHE A 6 -3.26 13.63 -14.58
N ILE A 7 -2.90 14.90 -14.38
CA ILE A 7 -3.51 15.98 -15.16
C ILE A 7 -3.32 15.75 -16.66
N ASP A 8 -2.25 15.06 -17.02
CA ASP A 8 -1.98 14.78 -18.42
C ASP A 8 -2.94 13.71 -18.91
N TYR A 9 -3.10 12.63 -18.15
CA TYR A 9 -4.02 11.58 -18.58
C TYR A 9 -5.41 12.12 -18.82
N ALA A 10 -5.87 13.03 -17.95
CA ALA A 10 -7.19 13.62 -18.08
C ALA A 10 -7.33 14.44 -19.35
N GLN A 11 -6.29 15.20 -19.67
CA GLN A 11 -6.27 16.05 -20.86
C GLN A 11 -6.36 15.22 -22.15
N LYS A 12 -5.71 14.07 -22.16
CA LYS A 12 -5.73 13.21 -23.34
C LYS A 12 -6.95 12.30 -23.42
N LYS A 13 -7.20 11.54 -22.36
CA LYS A 13 -8.34 10.62 -22.35
C LYS A 13 -9.69 11.26 -22.24
N TYR A 14 -9.74 12.54 -21.92
CA TYR A 14 -11.03 13.21 -21.78
C TYR A 14 -11.03 14.60 -22.37
N ASP A 15 -9.85 15.08 -22.75
CA ASP A 15 -9.75 16.41 -23.33
C ASP A 15 -10.34 17.47 -22.39
N THR A 16 -10.04 17.33 -21.10
CA THR A 16 -10.54 18.24 -20.06
C THR A 16 -9.40 19.12 -19.55
N LYS A 17 -9.67 20.41 -19.41
CA LYS A 17 -8.67 21.35 -18.90
C LYS A 17 -8.91 21.53 -17.40
N PRO A 18 -7.85 21.38 -16.57
CA PRO A 18 -7.98 21.54 -15.12
C PRO A 18 -8.44 22.92 -14.70
N ASP A 19 -9.38 22.95 -13.75
CA ASP A 19 -9.91 24.21 -13.23
C ASP A 19 -9.42 24.45 -11.82
N HIS A 20 -9.33 25.72 -11.42
CA HIS A 20 -8.87 26.06 -10.08
C HIS A 20 -9.83 27.04 -9.47
N PRO A 21 -10.90 26.53 -8.85
CA PRO A 21 -11.94 27.34 -8.21
C PRO A 21 -11.47 28.15 -7.03
N TRP A 22 -10.60 27.57 -6.22
CA TRP A 22 -10.08 28.21 -5.01
C TRP A 22 -8.87 29.08 -5.24
N GLU A 23 -9.02 30.35 -4.90
CA GLU A 23 -7.94 31.31 -5.06
C GLU A 23 -6.89 31.04 -4.01
N LYS A 24 -7.35 30.72 -2.81
CA LYS A 24 -6.48 30.44 -1.66
C LYS A 24 -5.61 29.21 -1.88
N PHE A 25 -6.10 28.26 -2.67
CA PHE A 25 -5.36 27.04 -2.94
C PHE A 25 -5.10 26.83 -4.43
N PRO A 26 -3.97 27.36 -4.93
CA PRO A 26 -3.59 27.25 -6.35
C PRO A 26 -3.46 25.81 -6.83
N ASP A 27 -3.14 24.91 -5.90
CA ASP A 27 -2.96 23.50 -6.24
C ASP A 27 -4.22 22.72 -6.45
N TYR A 28 -5.19 22.94 -5.60
CA TYR A 28 -6.45 22.23 -5.72
C TYR A 28 -6.97 22.46 -7.14
N ALA A 29 -7.27 21.38 -7.85
CA ALA A 29 -7.77 21.46 -9.21
C ALA A 29 -8.92 20.50 -9.40
N VAL A 30 -10.00 20.96 -10.04
CA VAL A 30 -11.15 20.09 -10.27
C VAL A 30 -11.26 19.75 -11.76
N PHE A 31 -11.88 18.61 -12.05
CA PHE A 31 -12.06 18.18 -13.43
C PHE A 31 -13.54 17.92 -13.63
N ARG A 32 -14.16 18.66 -14.53
CA ARG A 32 -15.58 18.47 -14.78
C ARG A 32 -15.91 18.37 -16.26
N HIS A 33 -17.18 18.09 -16.55
CA HIS A 33 -17.67 17.98 -17.91
C HIS A 33 -18.06 19.36 -18.42
N SER A 34 -17.98 19.57 -19.72
CA SER A 34 -18.33 20.85 -20.31
C SER A 34 -19.85 20.97 -20.36
N ASP A 35 -20.51 19.81 -20.31
CA ASP A 35 -21.96 19.68 -20.35
C ASP A 35 -22.61 20.25 -19.09
N ASN A 36 -22.73 19.40 -18.07
CA ASN A 36 -23.35 19.78 -16.80
C ASN A 36 -22.42 20.40 -15.76
N ASP A 37 -21.15 20.58 -16.12
CA ASP A 37 -20.20 21.18 -15.20
C ASP A 37 -20.07 20.34 -13.91
N LYS A 38 -20.32 19.03 -14.01
CA LYS A 38 -20.21 18.17 -12.85
C LYS A 38 -18.78 17.68 -12.64
N TRP A 39 -18.29 17.82 -11.41
CA TRP A 39 -16.94 17.42 -11.04
C TRP A 39 -16.87 15.91 -11.02
N TYR A 40 -15.80 15.35 -11.58
CA TYR A 40 -15.62 13.90 -11.58
C TYR A 40 -14.24 13.54 -11.04
N ALA A 41 -13.49 14.57 -10.68
CA ALA A 41 -12.14 14.43 -10.16
C ALA A 41 -11.69 15.69 -9.41
N LEU A 42 -11.17 15.51 -8.19
CA LEU A 42 -10.69 16.61 -7.36
C LEU A 42 -9.23 16.35 -6.95
N LEU A 43 -8.33 17.13 -7.53
CA LEU A 43 -6.91 17.01 -7.26
C LEU A 43 -6.56 17.97 -6.14
N MSE A 44 -5.88 17.49 -5.11
CA MSE A 44 -5.48 18.34 -3.99
C MSE A 44 -4.15 17.94 -3.39
O MSE A 44 -3.76 16.79 -3.42
CB MSE A 44 -6.50 18.27 -2.87
CG MSE A 44 -7.88 18.76 -3.20
SE MSE A 44 -9.08 18.47 -1.68
CE MSE A 44 -9.57 16.64 -2.04
N ASP A 45 -3.49 18.93 -2.82
CA ASP A 45 -2.22 18.74 -2.14
C ASP A 45 -2.57 19.01 -0.67
N ILE A 46 -2.57 17.97 0.16
CA ILE A 46 -2.95 18.14 1.56
C ILE A 46 -1.98 17.56 2.58
N PRO A 47 -2.12 17.96 3.86
CA PRO A 47 -1.26 17.46 4.93
C PRO A 47 -1.58 15.97 5.15
N ALA A 48 -0.58 15.11 5.12
CA ALA A 48 -0.78 13.69 5.31
C ALA A 48 -1.77 13.38 6.44
N GLU A 49 -1.64 14.11 7.55
CA GLU A 49 -2.50 13.92 8.74
C GLU A 49 -4.01 13.95 8.45
N LYS A 50 -4.48 14.92 7.66
CA LYS A 50 -5.89 15.06 7.30
C LYS A 50 -6.58 13.75 6.81
N ILE A 51 -5.80 12.76 6.36
CA ILE A 51 -6.42 11.48 5.93
C ILE A 51 -5.84 10.27 6.67
N GLY A 52 -5.41 10.50 7.91
CA GLY A 52 -4.89 9.40 8.71
C GLY A 52 -3.45 9.01 8.58
N ILE A 53 -2.85 9.22 7.42
CA ILE A 53 -1.45 8.85 7.32
C ILE A 53 -0.66 9.88 8.14
N ASN A 54 0.26 9.36 8.96
CA ASN A 54 1.11 10.15 9.86
C ASN A 54 2.30 10.86 9.18
N GLY A 55 3.34 11.18 9.93
CA GLY A 55 4.49 11.87 9.36
C GLY A 55 4.13 13.32 9.03
N ASP A 56 4.96 14.29 9.46
CA ASP A 56 4.66 15.71 9.19
C ASP A 56 5.05 16.02 7.73
N LYS A 57 4.28 15.43 6.82
CA LYS A 57 4.51 15.56 5.40
C LYS A 57 3.22 15.86 4.64
N ARG A 58 3.33 16.40 3.42
CA ARG A 58 2.16 16.65 2.60
C ARG A 58 1.99 15.45 1.65
N VAL A 59 0.82 15.35 1.02
CA VAL A 59 0.50 14.29 0.04
C VAL A 59 -0.40 14.84 -1.10
N ASP A 60 -0.32 14.24 -2.28
CA ASP A 60 -1.17 14.65 -3.38
C ASP A 60 -2.19 13.56 -3.57
N VAL A 61 -3.48 13.93 -3.50
CA VAL A 61 -4.57 12.97 -3.63
C VAL A 61 -5.61 13.42 -4.65
N ILE A 62 -6.38 12.48 -5.17
CA ILE A 62 -7.45 12.81 -6.09
C ILE A 62 -8.73 12.19 -5.55
N ASP A 63 -9.82 12.93 -5.66
CA ASP A 63 -11.11 12.46 -5.20
C ASP A 63 -11.90 12.06 -6.43
N LEU A 64 -12.48 10.86 -6.35
CA LEU A 64 -13.26 10.28 -7.43
C LEU A 64 -14.62 9.83 -6.92
N LYS A 65 -15.62 9.87 -7.77
CA LYS A 65 -16.97 9.46 -7.37
C LYS A 65 -17.19 7.99 -7.67
N VAL A 66 -17.80 7.26 -6.75
CA VAL A 66 -18.04 5.85 -6.96
C VAL A 66 -19.44 5.53 -6.51
N GLN A 67 -19.86 4.30 -6.77
CA GLN A 67 -21.20 3.86 -6.36
C GLN A 67 -21.15 3.55 -4.86
N PRO A 68 -22.10 4.10 -4.11
CA PRO A 68 -22.19 3.91 -2.66
C PRO A 68 -21.96 2.47 -2.14
N GLU A 69 -22.29 1.45 -2.93
CA GLU A 69 -22.07 0.08 -2.46
C GLU A 69 -20.63 -0.39 -2.64
N LEU A 70 -19.79 0.46 -3.23
CA LEU A 70 -18.39 0.12 -3.45
C LEU A 70 -17.44 0.90 -2.54
N VAL A 71 -17.94 1.95 -1.91
CA VAL A 71 -17.11 2.76 -1.03
C VAL A 71 -16.51 1.96 0.11
N GLY A 72 -17.30 1.06 0.69
CA GLY A 72 -16.84 0.24 1.79
C GLY A 72 -15.69 -0.68 1.39
N SER A 73 -15.85 -1.37 0.25
CA SER A 73 -14.83 -2.30 -0.26
C SER A 73 -13.57 -1.62 -0.80
N LEU A 74 -13.76 -0.54 -1.56
CA LEU A 74 -12.62 0.20 -2.09
C LEU A 74 -11.75 0.72 -0.95
N ARG A 75 -12.36 1.40 0.01
CA ARG A 75 -11.63 1.96 1.16
C ARG A 75 -10.77 0.97 1.90
N LYS A 76 -11.03 -0.31 1.67
CA LYS A 76 -10.29 -1.40 2.31
C LYS A 76 -8.95 -1.63 1.59
N LYS A 77 -8.86 -1.17 0.34
CA LYS A 77 -7.63 -1.33 -0.40
C LYS A 77 -6.59 -0.37 0.15
N PRO A 78 -5.30 -0.69 -0.08
CA PRO A 78 -4.22 0.17 0.38
C PRO A 78 -4.08 1.30 -0.60
N GLY A 79 -4.01 2.53 -0.08
CA GLY A 79 -3.88 3.69 -0.93
C GLY A 79 -5.17 4.46 -1.16
N ILE A 80 -6.29 3.85 -0.75
CA ILE A 80 -7.61 4.45 -0.88
C ILE A 80 -8.09 4.76 0.53
N TYR A 81 -8.50 6.01 0.74
CA TYR A 81 -8.97 6.47 2.04
C TYR A 81 -10.36 7.07 1.89
N PRO A 82 -10.99 7.45 3.01
CA PRO A 82 -12.33 8.06 3.02
C PRO A 82 -12.30 9.42 2.34
N ALA A 83 -13.38 9.78 1.65
CA ALA A 83 -13.42 11.05 0.94
C ALA A 83 -13.06 12.24 1.83
N TYR A 84 -12.14 13.07 1.32
CA TYR A 84 -11.71 14.25 2.03
C TYR A 84 -12.32 15.48 1.36
N HIS A 85 -13.03 16.29 2.13
CA HIS A 85 -13.70 17.50 1.64
C HIS A 85 -14.84 17.20 0.67
N MSE A 86 -15.25 15.94 0.61
CA MSE A 86 -16.35 15.55 -0.25
C MSE A 86 -17.22 14.60 0.54
O MSE A 86 -16.83 14.17 1.62
CB MSE A 86 -15.85 14.87 -1.53
CG MSE A 86 -15.02 15.77 -2.43
SE MSE A 86 -16.07 17.19 -3.24
CE MSE A 86 -16.43 16.34 -4.96
N ASN A 87 -18.39 14.28 0.00
CA ASN A 87 -19.33 13.38 0.66
C ASN A 87 -18.76 11.97 0.76
N LYS A 88 -18.65 11.47 1.99
CA LYS A 88 -18.07 10.15 2.18
C LYS A 88 -18.83 8.93 1.64
N GLU A 89 -20.14 9.05 1.45
CA GLU A 89 -20.92 7.93 0.96
C GLU A 89 -20.89 7.83 -0.57
N HIS A 90 -20.38 8.86 -1.22
CA HIS A 90 -20.31 8.88 -2.67
C HIS A 90 -18.92 9.11 -3.24
N TRP A 91 -18.01 9.63 -2.41
CA TRP A 91 -16.66 9.89 -2.87
C TRP A 91 -15.57 9.07 -2.18
N ILE A 92 -14.44 8.99 -2.86
CA ILE A 92 -13.27 8.23 -2.45
C ILE A 92 -12.06 9.10 -2.66
N THR A 93 -11.05 8.95 -1.80
CA THR A 93 -9.83 9.75 -1.93
C THR A 93 -8.69 8.78 -2.23
N VAL A 94 -8.10 8.91 -3.41
CA VAL A 94 -6.99 8.03 -3.79
C VAL A 94 -5.67 8.77 -3.62
N LEU A 95 -4.74 8.13 -2.93
CA LEU A 95 -3.46 8.72 -2.68
C LEU A 95 -2.51 8.55 -3.88
N LEU A 96 -2.05 9.68 -4.46
CA LEU A 96 -1.14 9.68 -5.59
C LEU A 96 0.28 9.46 -5.08
N ASN A 97 1.12 8.86 -5.92
CA ASN A 97 2.49 8.54 -5.57
C ASN A 97 2.32 7.51 -4.46
N GLY A 98 1.25 6.72 -4.59
CA GLY A 98 0.92 5.69 -3.62
C GLY A 98 0.90 4.27 -4.16
N PRO A 99 0.50 3.29 -3.33
CA PRO A 99 0.40 1.87 -3.69
C PRO A 99 -0.64 1.47 -4.74
N LEU A 100 -1.55 2.37 -5.04
CA LEU A 100 -2.60 2.06 -6.01
C LEU A 100 -2.03 2.13 -7.43
N GLY A 101 -2.33 1.10 -8.23
CA GLY A 101 -1.82 1.05 -9.58
C GLY A 101 -2.47 2.02 -10.55
N ALA A 102 -1.64 2.59 -11.44
CA ALA A 102 -2.13 3.51 -12.47
C ALA A 102 -3.29 2.86 -13.23
N LYS A 103 -3.20 1.57 -13.52
CA LYS A 103 -4.29 0.92 -14.26
C LYS A 103 -5.57 0.98 -13.45
N GLU A 104 -5.51 0.53 -12.19
CA GLU A 104 -6.67 0.55 -11.29
C GLU A 104 -7.17 1.98 -11.12
N ILE A 105 -6.25 2.94 -11.10
CA ILE A 105 -6.63 4.33 -10.99
C ILE A 105 -7.33 4.80 -12.26
N HIS A 106 -6.82 4.43 -13.44
CA HIS A 106 -7.45 4.87 -14.69
C HIS A 106 -8.90 4.43 -14.79
N SER A 107 -9.18 3.21 -14.33
CA SER A 107 -10.54 2.69 -14.37
C SER A 107 -11.43 3.47 -13.41
N LEU A 108 -10.90 3.78 -12.22
CA LEU A 108 -11.65 4.56 -11.22
C LEU A 108 -11.94 5.96 -11.77
N ILE A 109 -10.96 6.54 -12.46
CA ILE A 109 -11.12 7.85 -13.10
C ILE A 109 -12.29 7.72 -14.11
N GLU A 110 -12.36 6.59 -14.80
CA GLU A 110 -13.42 6.34 -15.79
C GLU A 110 -14.77 6.20 -15.10
N ASP A 111 -14.81 5.39 -14.05
CA ASP A 111 -16.03 5.19 -13.29
C ASP A 111 -16.62 6.51 -12.80
N SER A 112 -15.77 7.40 -12.25
CA SER A 112 -16.21 8.70 -11.74
C SER A 112 -16.70 9.57 -12.90
N PHE A 113 -16.07 9.42 -14.05
CA PHE A 113 -16.44 10.17 -15.26
C PHE A 113 -17.85 9.77 -15.72
N GLN A 114 -18.09 8.47 -15.88
CA GLN A 114 -19.39 7.94 -16.31
C GLN A 114 -20.49 8.17 -15.27
N LEU A 115 -20.12 8.19 -14.00
CA LEU A 115 -21.08 8.37 -12.90
C LEU A 115 -21.60 9.80 -12.87
N THR A 116 -20.90 10.69 -13.58
CA THR A 116 -21.24 12.10 -13.62
C THR A 116 -21.50 12.63 -15.02
N ARG A 117 -21.67 11.70 -15.96
CA ARG A 117 -21.91 12.01 -17.37
C ARG A 117 -23.26 12.72 -17.54
N MSE B 1 -0.73 -9.76 -6.19
CA MSE B 1 -0.32 -11.15 -6.54
C MSE B 1 -0.50 -12.05 -5.33
O MSE B 1 -0.19 -11.66 -4.21
CB MSE B 1 1.15 -11.16 -6.99
CG MSE B 1 1.65 -12.50 -7.51
SE MSE B 1 3.57 -12.48 -7.94
CE MSE B 1 4.23 -12.83 -6.17
N ASN B 2 -0.99 -13.26 -5.56
CA ASN B 2 -1.23 -14.20 -4.48
C ASN B 2 -0.32 -15.42 -4.53
N ARG B 3 -0.40 -16.23 -3.48
CA ARG B 3 0.39 -17.44 -3.33
C ARG B 3 0.41 -18.29 -4.59
N GLN B 4 -0.76 -18.53 -5.18
CA GLN B 4 -0.89 -19.34 -6.39
C GLN B 4 -0.14 -18.76 -7.58
N GLN B 5 -0.49 -17.52 -7.96
CA GLN B 5 0.13 -16.86 -9.11
C GLN B 5 1.64 -16.81 -8.99
N PHE B 6 2.12 -16.73 -7.76
CA PHE B 6 3.54 -16.68 -7.50
C PHE B 6 4.24 -18.00 -7.82
N ILE B 7 3.84 -19.10 -7.18
CA ILE B 7 4.51 -20.38 -7.45
C ILE B 7 4.44 -20.74 -8.94
N ASP B 8 3.41 -20.24 -9.62
CA ASP B 8 3.26 -20.49 -11.03
C ASP B 8 4.28 -19.67 -11.81
N TYR B 9 4.40 -18.40 -11.48
CA TYR B 9 5.37 -17.58 -12.21
C TYR B 9 6.78 -18.16 -12.10
N ALA B 10 7.13 -18.67 -10.93
CA ALA B 10 8.47 -19.25 -10.71
C ALA B 10 8.69 -20.49 -11.57
N GLN B 11 7.66 -21.32 -11.68
CA GLN B 11 7.71 -22.55 -12.47
C GLN B 11 7.93 -22.27 -13.95
N LYS B 12 7.30 -21.20 -14.45
CA LYS B 12 7.44 -20.85 -15.85
C LYS B 12 8.68 -20.03 -16.16
N LYS B 13 8.87 -18.93 -15.45
CA LYS B 13 10.01 -18.04 -15.67
C LYS B 13 11.36 -18.59 -15.22
N TYR B 14 11.35 -19.65 -14.44
CA TYR B 14 12.61 -20.21 -13.95
C TYR B 14 12.61 -21.72 -13.99
N ASP B 15 11.46 -22.33 -14.23
CA ASP B 15 11.37 -23.78 -14.30
C ASP B 15 11.85 -24.40 -12.97
N THR B 16 11.44 -23.78 -11.88
CA THR B 16 11.81 -24.24 -10.54
C THR B 16 10.62 -24.87 -9.82
N LYS B 17 10.84 -26.02 -9.20
CA LYS B 17 9.80 -26.71 -8.45
C LYS B 17 9.90 -26.30 -6.97
N PRO B 18 8.79 -25.88 -6.36
CA PRO B 18 8.80 -25.47 -4.96
C PRO B 18 9.19 -26.59 -4.01
N ASP B 19 10.04 -26.26 -3.04
CA ASP B 19 10.50 -27.23 -2.05
C ASP B 19 9.89 -26.93 -0.69
N HIS B 20 9.75 -27.96 0.13
CA HIS B 20 9.16 -27.78 1.46
C HIS B 20 10.05 -28.45 2.49
N PRO B 21 11.08 -27.73 2.94
CA PRO B 21 12.04 -28.22 3.94
C PRO B 21 11.46 -28.53 5.29
N TRP B 22 10.52 -27.69 5.74
CA TRP B 22 9.90 -27.85 7.06
C TRP B 22 8.69 -28.76 7.08
N GLU B 23 8.78 -29.81 7.86
CA GLU B 23 7.71 -30.77 7.99
C GLU B 23 6.57 -30.14 8.78
N LYS B 24 6.95 -29.38 9.80
CA LYS B 24 6.00 -28.70 10.67
C LYS B 24 5.17 -27.66 9.95
N PHE B 25 5.75 -27.05 8.91
CA PHE B 25 5.05 -26.03 8.14
C PHE B 25 4.92 -26.41 6.65
N PRO B 26 3.84 -27.11 6.29
CA PRO B 26 3.58 -27.53 4.91
C PRO B 26 3.50 -26.38 3.93
N ASP B 27 3.14 -25.21 4.42
CA ASP B 27 3.01 -24.02 3.58
C ASP B 27 4.30 -23.37 3.19
N TYR B 28 5.20 -23.24 4.14
CA TYR B 28 6.48 -22.62 3.85
C TYR B 28 7.10 -23.35 2.67
N ALA B 29 7.49 -22.62 1.64
CA ALA B 29 8.11 -23.20 0.46
C ALA B 29 9.29 -22.35 0.01
N VAL B 30 10.41 -23.02 -0.29
CA VAL B 30 11.59 -22.28 -0.75
C VAL B 30 11.83 -22.53 -2.24
N PHE B 31 12.49 -21.57 -2.89
CA PHE B 31 12.81 -21.69 -4.31
C PHE B 31 14.30 -21.50 -4.46
N ARG B 32 14.97 -22.53 -4.97
CA ARG B 32 16.41 -22.43 -5.14
C ARG B 32 16.85 -22.88 -6.51
N HIS B 33 18.15 -22.73 -6.77
CA HIS B 33 18.75 -23.13 -8.04
C HIS B 33 19.16 -24.59 -7.93
N SER B 34 19.17 -25.28 -9.07
CA SER B 34 19.55 -26.68 -9.10
C SER B 34 21.08 -26.81 -8.98
N ASP B 35 21.75 -25.71 -9.31
CA ASP B 35 23.20 -25.59 -9.27
C ASP B 35 23.74 -25.64 -7.83
N ASN B 36 23.78 -24.46 -7.20
CA ASN B 36 24.29 -24.32 -5.83
C ASN B 36 23.27 -24.53 -4.72
N ASP B 37 22.02 -24.84 -5.09
CA ASP B 37 20.98 -25.06 -4.12
C ASP B 37 20.76 -23.80 -3.26
N LYS B 38 21.06 -22.62 -3.81
CA LYS B 38 20.87 -21.39 -3.07
C LYS B 38 19.45 -20.86 -3.18
N TRP B 39 18.84 -20.57 -2.03
CA TRP B 39 17.49 -20.05 -1.95
C TRP B 39 17.44 -18.65 -2.52
N TYR B 40 16.43 -18.34 -3.32
CA TYR B 40 16.30 -17.00 -3.89
C TYR B 40 14.89 -16.49 -3.65
N ALA B 41 14.08 -17.29 -2.98
CA ALA B 41 12.68 -16.97 -2.68
C ALA B 41 12.16 -17.87 -1.54
N LEU B 42 11.53 -17.25 -0.54
CA LEU B 42 10.96 -17.97 0.61
C LEU B 42 9.49 -17.60 0.76
N LEU B 43 8.62 -18.55 0.44
CA LEU B 43 7.18 -18.35 0.53
C LEU B 43 6.71 -18.82 1.88
N MSE B 44 5.96 -17.99 2.60
CA MSE B 44 5.45 -18.35 3.91
C MSE B 44 4.09 -17.78 4.21
O MSE B 44 3.72 -16.73 3.72
CB MSE B 44 6.38 -17.84 5.01
CG MSE B 44 7.76 -18.44 5.00
SE MSE B 44 8.84 -17.63 6.37
CE MSE B 44 9.40 -16.03 5.42
N ASP B 45 3.37 -18.50 5.07
CA ASP B 45 2.06 -18.09 5.52
C ASP B 45 2.27 -17.77 7.00
N ILE B 46 2.23 -16.50 7.37
CA ILE B 46 2.48 -16.12 8.76
C ILE B 46 1.45 -15.21 9.40
N PRO B 47 1.46 -15.12 10.73
CA PRO B 47 0.52 -14.26 11.45
C PRO B 47 0.86 -12.79 11.12
N ALA B 48 -0.12 -12.01 10.70
CA ALA B 48 0.12 -10.62 10.35
C ALA B 48 1.02 -9.90 11.36
N GLU B 49 0.78 -10.16 12.66
CA GLU B 49 1.53 -9.53 13.75
C GLU B 49 3.07 -9.64 13.62
N LYS B 50 3.58 -10.84 13.32
CA LYS B 50 5.02 -11.09 13.15
C LYS B 50 5.78 -10.05 12.28
N ILE B 51 5.08 -9.28 11.44
CA ILE B 51 5.75 -8.27 10.60
C ILE B 51 5.16 -6.88 10.78
N GLY B 52 4.59 -6.64 11.96
CA GLY B 52 4.04 -5.33 12.26
C GLY B 52 2.60 -5.03 11.86
N ILE B 53 2.10 -5.66 10.81
CA ILE B 53 0.72 -5.38 10.46
C ILE B 53 -0.16 -6.02 11.54
N ASN B 54 -1.13 -5.24 12.02
CA ASN B 54 -2.06 -5.65 13.08
C ASN B 54 -3.20 -6.58 12.60
N GLY B 55 -4.33 -6.59 13.31
CA GLY B 55 -5.44 -7.47 12.95
C GLY B 55 -5.09 -8.93 13.22
N ASP B 56 -5.98 -9.67 13.89
CA ASP B 56 -5.68 -11.10 14.21
C ASP B 56 -5.94 -11.93 12.95
N LYS B 57 -5.09 -11.71 11.97
CA LYS B 57 -5.21 -12.38 10.69
C LYS B 57 -3.88 -12.92 10.22
N ARG B 58 -3.91 -13.86 9.27
CA ARG B 58 -2.66 -14.41 8.70
C ARG B 58 -2.38 -13.66 7.38
N VAL B 59 -1.16 -13.79 6.87
CA VAL B 59 -0.73 -13.17 5.61
C VAL B 59 0.26 -14.08 4.84
N ASP B 60 0.29 -13.99 3.51
CA ASP B 60 1.22 -14.77 2.72
C ASP B 60 2.28 -13.79 2.23
N VAL B 61 3.53 -14.09 2.54
CA VAL B 61 4.65 -13.24 2.17
C VAL B 61 5.77 -14.03 1.48
N ILE B 62 6.60 -13.34 0.71
CA ILE B 62 7.74 -14.01 0.08
C ILE B 62 8.97 -13.22 0.45
N ASP B 63 10.05 -13.94 0.72
CA ASP B 63 11.30 -13.32 1.07
C ASP B 63 12.20 -13.40 -0.13
N LEU B 64 12.80 -12.26 -0.45
CA LEU B 64 13.68 -12.10 -1.61
C LEU B 64 15.01 -11.49 -1.19
N LYS B 65 16.09 -11.83 -1.88
CA LYS B 65 17.40 -11.29 -1.54
C LYS B 65 17.68 -10.03 -2.36
N VAL B 66 18.22 -9.02 -1.73
CA VAL B 66 18.52 -7.78 -2.42
C VAL B 66 19.89 -7.30 -2.02
N GLN B 67 20.36 -6.24 -2.66
CA GLN B 67 21.65 -5.68 -2.33
C GLN B 67 21.49 -4.83 -1.08
N PRO B 68 22.36 -5.04 -0.10
CA PRO B 68 22.33 -4.32 1.17
C PRO B 68 22.10 -2.79 1.10
N GLU B 69 22.52 -2.14 0.01
CA GLU B 69 22.30 -0.70 -0.08
C GLU B 69 20.88 -0.35 -0.55
N LEU B 70 20.07 -1.36 -0.86
CA LEU B 70 18.70 -1.15 -1.30
C LEU B 70 17.66 -1.54 -0.25
N VAL B 71 18.08 -2.27 0.77
CA VAL B 71 17.16 -2.70 1.81
C VAL B 71 16.49 -1.54 2.51
N GLY B 72 17.27 -0.48 2.77
CA GLY B 72 16.72 0.69 3.43
C GLY B 72 15.63 1.39 2.64
N SER B 73 15.88 1.60 1.34
CA SER B 73 14.94 2.26 0.44
C SER B 73 13.72 1.41 0.09
N LEU B 74 13.95 0.12 -0.18
CA LEU B 74 12.86 -0.77 -0.50
C LEU B 74 11.87 -0.84 0.67
N ARG B 75 12.37 -1.11 1.86
CA ARG B 75 11.54 -1.20 3.06
C ARG B 75 10.62 0.00 3.28
N LYS B 76 10.95 1.11 2.62
CA LYS B 76 10.18 2.34 2.74
C LYS B 76 8.92 2.27 1.89
N LYS B 77 8.93 1.38 0.90
CA LYS B 77 7.76 1.24 0.05
C LYS B 77 6.65 0.54 0.82
N PRO B 78 5.40 0.74 0.37
CA PRO B 78 4.26 0.11 1.02
C PRO B 78 4.17 -1.33 0.52
N GLY B 79 4.06 -2.26 1.47
CA GLY B 79 3.96 -3.67 1.12
C GLY B 79 5.24 -4.44 1.33
N ILE B 80 6.34 -3.71 1.54
CA ILE B 80 7.65 -4.31 1.77
C ILE B 80 8.00 -4.06 3.23
N TYR B 81 8.36 -5.14 3.93
CA TYR B 81 8.71 -5.07 5.34
C TYR B 81 10.11 -5.67 5.54
N PRO B 82 10.63 -5.60 6.79
CA PRO B 82 11.95 -6.14 7.13
C PRO B 82 11.95 -7.67 7.01
N ALA B 83 13.06 -8.24 6.59
CA ALA B 83 13.13 -9.68 6.43
C ALA B 83 12.67 -10.45 7.65
N TYR B 84 11.78 -11.42 7.41
CA TYR B 84 11.26 -12.25 8.48
C TYR B 84 11.90 -13.63 8.36
N HIS B 85 12.51 -14.11 9.45
CA HIS B 85 13.19 -15.41 9.50
C HIS B 85 14.43 -15.47 8.60
N MSE B 86 14.86 -14.33 8.09
CA MSE B 86 16.05 -14.29 7.24
C MSE B 86 16.88 -13.10 7.70
O MSE B 86 16.42 -12.31 8.53
CB MSE B 86 15.68 -14.12 5.77
CG MSE B 86 14.91 -15.31 5.21
SE MSE B 86 16.03 -16.92 5.06
CE MSE B 86 16.50 -16.77 3.19
N ASN B 87 18.09 -12.98 7.17
CA ASN B 87 18.98 -11.89 7.53
C ASN B 87 18.44 -10.54 7.05
N LYS B 88 18.22 -9.62 7.98
CA LYS B 88 17.66 -8.34 7.62
C LYS B 88 18.52 -7.39 6.73
N GLU B 89 19.83 -7.55 6.73
CA GLU B 89 20.69 -6.70 5.92
C GLU B 89 20.79 -7.18 4.47
N HIS B 90 20.30 -8.39 4.22
CA HIS B 90 20.35 -8.95 2.87
C HIS B 90 19.00 -9.39 2.31
N TRP B 91 18.02 -9.57 3.18
CA TRP B 91 16.71 -10.00 2.73
C TRP B 91 15.59 -8.98 2.97
N ILE B 92 14.51 -9.19 2.23
CA ILE B 92 13.34 -8.34 2.23
C ILE B 92 12.11 -9.25 2.27
N THR B 93 11.05 -8.80 2.92
CA THR B 93 9.82 -9.59 2.98
C THR B 93 8.74 -8.82 2.24
N VAL B 94 8.23 -9.38 1.14
CA VAL B 94 7.18 -8.70 0.38
C VAL B 94 5.86 -9.36 0.70
N LEU B 95 4.88 -8.51 0.99
CA LEU B 95 3.56 -8.99 1.34
C LEU B 95 2.72 -9.29 0.08
N LEU B 96 2.30 -10.55 -0.05
CA LEU B 96 1.47 -10.98 -1.19
C LEU B 96 0.03 -10.61 -0.91
N ASN B 97 -0.73 -10.38 -1.98
CA ASN B 97 -2.12 -9.96 -1.89
C ASN B 97 -2.04 -8.58 -1.25
N GLY B 98 -0.95 -7.88 -1.58
CA GLY B 98 -0.69 -6.55 -1.03
C GLY B 98 -0.56 -5.44 -2.06
N PRO B 99 -0.20 -4.23 -1.62
CA PRO B 99 -0.04 -3.05 -2.48
C PRO B 99 1.10 -3.06 -3.49
N LEU B 100 2.01 -4.00 -3.37
CA LEU B 100 3.15 -4.06 -4.29
C LEU B 100 2.69 -4.65 -5.62
N GLY B 101 3.09 -4.01 -6.71
CA GLY B 101 2.69 -4.48 -8.02
C GLY B 101 3.38 -5.73 -8.53
N ALA B 102 2.62 -6.59 -9.19
CA ALA B 102 3.17 -7.83 -9.75
C ALA B 102 4.40 -7.52 -10.62
N LYS B 103 4.37 -6.42 -11.38
CA LYS B 103 5.54 -6.08 -12.21
C LYS B 103 6.75 -5.84 -11.30
N GLU B 104 6.58 -4.93 -10.33
CA GLU B 104 7.66 -4.60 -9.39
C GLU B 104 8.11 -5.88 -8.66
N ILE B 105 7.17 -6.76 -8.36
CA ILE B 105 7.51 -8.00 -7.70
C ILE B 105 8.30 -8.90 -8.63
N HIS B 106 7.91 -8.98 -9.90
CA HIS B 106 8.62 -9.86 -10.85
C HIS B 106 10.08 -9.48 -10.98
N SER B 107 10.36 -8.18 -10.98
CA SER B 107 11.72 -7.70 -11.09
C SER B 107 12.51 -8.06 -9.83
N LEU B 108 11.89 -7.91 -8.67
CA LEU B 108 12.53 -8.24 -7.39
C LEU B 108 12.83 -9.75 -7.35
N ILE B 109 11.91 -10.55 -7.86
CA ILE B 109 12.10 -12.00 -7.94
C ILE B 109 13.34 -12.26 -8.81
N GLU B 110 13.49 -11.45 -9.88
CA GLU B 110 14.64 -11.58 -10.79
C GLU B 110 15.94 -11.18 -10.09
N ASP B 111 15.90 -10.04 -9.41
CA ASP B 111 17.06 -9.56 -8.69
C ASP B 111 17.56 -10.60 -7.69
N SER B 112 16.65 -11.20 -6.93
CA SER B 112 17.01 -12.22 -5.94
C SER B 112 17.60 -13.46 -6.63
N PHE B 113 17.06 -13.76 -7.81
CA PHE B 113 17.52 -14.91 -8.59
C PHE B 113 18.97 -14.70 -9.04
N GLN B 114 19.26 -13.56 -9.66
CA GLN B 114 20.60 -13.23 -10.14
C GLN B 114 21.60 -13.03 -9.01
N LEU B 115 21.12 -12.58 -7.85
CA LEU B 115 21.97 -12.31 -6.69
C LEU B 115 22.43 -13.64 -6.08
N THR B 116 21.79 -14.73 -6.46
CA THR B 116 22.10 -16.05 -5.95
C THR B 116 22.47 -17.06 -7.03
N ARG B 117 22.73 -16.56 -8.24
CA ARG B 117 23.10 -17.37 -9.41
C ARG B 117 24.44 -18.06 -9.18
N MSE C 1 -42.31 -10.55 8.65
CA MSE C 1 -41.84 -9.19 9.01
C MSE C 1 -41.85 -8.31 7.77
O MSE C 1 -41.46 -8.74 6.69
CB MSE C 1 -40.43 -9.26 9.60
CG MSE C 1 -39.90 -7.93 10.13
SE MSE C 1 -38.08 -8.09 10.74
CE MSE C 1 -37.20 -7.81 9.02
N ASN C 2 -42.29 -7.06 7.94
CA ASN C 2 -42.37 -6.13 6.82
C ASN C 2 -41.39 -4.97 6.94
N ARG C 3 -41.32 -4.19 5.86
CA ARG C 3 -40.45 -3.02 5.77
C ARG C 3 -40.48 -2.14 7.00
N GLN C 4 -41.69 -1.83 7.48
CA GLN C 4 -41.86 -0.97 8.66
C GLN C 4 -41.25 -1.58 9.92
N GLN C 5 -41.72 -2.77 10.30
CA GLN C 5 -41.25 -3.45 11.50
C GLN C 5 -39.74 -3.60 11.53
N PHE C 6 -39.16 -3.73 10.34
CA PHE C 6 -37.73 -3.87 10.20
C PHE C 6 -36.97 -2.60 10.56
N ILE C 7 -37.26 -1.49 9.88
CA ILE C 7 -36.55 -0.24 10.18
C ILE C 7 -36.72 0.16 11.65
N ASP C 8 -37.82 -0.25 12.24
CA ASP C 8 -38.08 0.05 13.64
C ASP C 8 -37.18 -0.81 14.51
N TYR C 9 -37.11 -2.12 14.23
CA TYR C 9 -36.27 -2.97 15.04
C TYR C 9 -34.82 -2.48 15.04
N ALA C 10 -34.33 -2.02 13.89
CA ALA C 10 -32.96 -1.52 13.79
C ALA C 10 -32.73 -0.29 14.65
N GLN C 11 -33.71 0.61 14.63
CA GLN C 11 -33.64 1.85 15.41
C GLN C 11 -33.58 1.58 16.91
N LYS C 12 -34.30 0.57 17.37
CA LYS C 12 -34.32 0.25 18.79
C LYS C 12 -33.16 -0.65 19.21
N LYS C 13 -32.99 -1.78 18.54
CA LYS C 13 -31.93 -2.72 18.89
C LYS C 13 -30.53 -2.27 18.54
N TYR C 14 -30.40 -1.22 17.74
CA TYR C 14 -29.07 -0.76 17.36
C TYR C 14 -28.96 0.75 17.37
N ASP C 15 -30.09 1.43 17.51
CA ASP C 15 -30.09 2.89 17.53
C ASP C 15 -29.45 3.44 16.25
N THR C 16 -29.79 2.83 15.12
CA THR C 16 -29.28 3.23 13.82
C THR C 16 -30.35 3.92 12.99
N LYS C 17 -30.00 5.03 12.36
CA LYS C 17 -30.94 5.76 11.52
C LYS C 17 -30.73 5.32 10.06
N PRO C 18 -31.82 4.95 9.37
CA PRO C 18 -31.72 4.51 7.97
C PRO C 18 -31.19 5.60 7.04
N ASP C 19 -30.27 5.18 6.16
CA ASP C 19 -29.67 6.07 5.18
C ASP C 19 -30.17 5.78 3.77
N HIS C 20 -30.19 6.81 2.92
CA HIS C 20 -30.66 6.63 1.55
C HIS C 20 -29.64 7.22 0.60
N PRO C 21 -28.63 6.42 0.26
CA PRO C 21 -27.56 6.84 -0.66
C PRO C 21 -28.01 7.15 -2.06
N TRP C 22 -28.96 6.37 -2.57
CA TRP C 22 -29.45 6.51 -3.94
C TRP C 22 -30.59 7.49 -4.08
N GLU C 23 -30.36 8.52 -4.88
CA GLU C 23 -31.35 9.54 -5.11
C GLU C 23 -32.45 8.96 -5.99
N LYS C 24 -32.04 8.16 -6.96
CA LYS C 24 -32.95 7.52 -7.91
C LYS C 24 -33.91 6.54 -7.23
N PHE C 25 -33.46 5.95 -6.13
CA PHE C 25 -34.28 4.98 -5.40
C PHE C 25 -34.52 5.39 -3.95
N PRO C 26 -35.59 6.16 -3.71
CA PRO C 26 -35.94 6.64 -2.36
C PRO C 26 -36.16 5.51 -1.36
N ASP C 27 -36.58 4.34 -1.85
CA ASP C 27 -36.84 3.21 -0.98
C ASP C 27 -35.64 2.48 -0.47
N TYR C 28 -34.66 2.27 -1.35
CA TYR C 28 -33.45 1.59 -0.95
C TYR C 28 -32.89 2.31 0.26
N ALA C 29 -32.64 1.57 1.33
CA ALA C 29 -32.09 2.14 2.56
C ALA C 29 -31.01 1.24 3.12
N VAL C 30 -29.88 1.84 3.51
CA VAL C 30 -28.79 1.05 4.09
C VAL C 30 -28.66 1.31 5.58
N PHE C 31 -28.13 0.33 6.30
CA PHE C 31 -27.93 0.47 7.73
C PHE C 31 -26.46 0.20 8.02
N ARG C 32 -25.77 1.18 8.57
CA ARG C 32 -24.37 1.01 8.88
C ARG C 32 -24.01 1.47 10.28
N HIS C 33 -22.75 1.24 10.64
CA HIS C 33 -22.23 1.63 11.94
C HIS C 33 -21.74 3.06 11.85
N SER C 34 -21.77 3.78 12.97
CA SER C 34 -21.31 5.16 13.01
C SER C 34 -19.79 5.17 13.04
N ASP C 35 -19.21 4.04 13.44
CA ASP C 35 -17.77 3.82 13.53
C ASP C 35 -17.11 3.81 12.15
N ASN C 36 -17.08 2.62 11.55
CA ASN C 36 -16.48 2.41 10.23
C ASN C 36 -17.39 2.67 9.02
N ASP C 37 -18.63 3.05 9.28
CA ASP C 37 -19.57 3.31 8.20
C ASP C 37 -19.79 2.05 7.35
N LYS C 38 -19.63 0.87 7.95
CA LYS C 38 -19.83 -0.38 7.22
C LYS C 38 -21.28 -0.82 7.22
N TRP C 39 -21.80 -1.09 6.03
CA TRP C 39 -23.19 -1.51 5.85
C TRP C 39 -23.36 -2.91 6.43
N TYR C 40 -24.45 -3.12 7.15
CA TYR C 40 -24.71 -4.44 7.72
C TYR C 40 -26.13 -4.87 7.37
N ALA C 41 -26.83 -4.03 6.63
CA ALA C 41 -28.20 -4.26 6.20
C ALA C 41 -28.58 -3.36 5.02
N LEU C 42 -29.14 -3.96 3.96
CA LEU C 42 -29.56 -3.25 2.75
C LEU C 42 -31.05 -3.52 2.49
N LEU C 43 -31.88 -2.52 2.72
CA LEU C 43 -33.31 -2.63 2.51
C LEU C 43 -33.62 -2.16 1.10
N MSE C 44 -34.37 -2.97 0.35
CA MSE C 44 -34.73 -2.61 -1.02
C MSE C 44 -36.09 -3.11 -1.43
O MSE C 44 -36.57 -4.13 -0.94
CB MSE C 44 -33.75 -3.20 -2.03
CG MSE C 44 -32.34 -2.69 -1.94
SE MSE C 44 -31.22 -3.62 -3.24
CE MSE C 44 -30.83 -5.20 -2.16
N ASP C 45 -36.70 -2.37 -2.35
CA ASP C 45 -37.99 -2.70 -2.91
C ASP C 45 -37.67 -3.06 -4.37
N ILE C 46 -37.75 -4.34 -4.71
CA ILE C 46 -37.40 -4.77 -6.07
C ILE C 46 -38.44 -5.62 -6.78
N PRO C 47 -38.31 -5.76 -8.11
CA PRO C 47 -39.25 -6.59 -8.89
C PRO C 47 -39.02 -8.06 -8.51
N ALA C 48 -40.09 -8.77 -8.15
CA ALA C 48 -39.98 -10.15 -7.76
C ALA C 48 -39.05 -10.96 -8.68
N GLU C 49 -39.14 -10.72 -9.98
CA GLU C 49 -38.34 -11.43 -10.99
C GLU C 49 -36.82 -11.39 -10.73
N LYS C 50 -36.28 -10.22 -10.42
CA LYS C 50 -34.85 -10.05 -10.13
C LYS C 50 -34.24 -11.11 -9.17
N ILE C 51 -35.05 -11.80 -8.36
CA ILE C 51 -34.53 -12.84 -7.47
C ILE C 51 -35.20 -14.19 -7.67
N GLY C 52 -35.66 -14.43 -8.88
CA GLY C 52 -36.27 -15.72 -9.20
C GLY C 52 -37.75 -15.91 -8.93
N ILE C 53 -38.29 -15.24 -7.93
CA ILE C 53 -39.70 -15.43 -7.70
C ILE C 53 -40.44 -14.75 -8.87
N ASN C 54 -41.41 -15.48 -9.42
CA ASN C 54 -42.22 -15.04 -10.56
C ASN C 54 -43.34 -14.03 -10.21
N GLY C 55 -44.39 -13.96 -11.03
CA GLY C 55 -45.48 -13.00 -10.79
C GLY C 55 -45.01 -11.57 -11.04
N ASP C 56 -45.78 -10.80 -11.82
CA ASP C 56 -45.38 -9.41 -12.13
C ASP C 56 -45.70 -8.53 -10.92
N LYS C 57 -44.96 -8.80 -9.84
CA LYS C 57 -45.14 -8.09 -8.60
C LYS C 57 -43.82 -7.62 -8.00
N ARG C 58 -43.85 -6.65 -7.09
CA ARG C 58 -42.63 -6.16 -6.45
C ARG C 58 -42.52 -6.90 -5.10
N VAL C 59 -41.34 -6.82 -4.48
CA VAL C 59 -41.08 -7.44 -3.16
C VAL C 59 -40.10 -6.57 -2.32
N ASP C 60 -40.21 -6.64 -1.00
CA ASP C 60 -39.30 -5.88 -0.15
C ASP C 60 -38.34 -6.90 0.46
N VAL C 61 -37.05 -6.68 0.26
CA VAL C 61 -36.02 -7.59 0.74
C VAL C 61 -34.92 -6.85 1.52
N ILE C 62 -34.19 -7.59 2.35
CA ILE C 62 -33.08 -6.99 3.07
C ILE C 62 -31.88 -7.88 2.82
N ASP C 63 -30.73 -7.24 2.64
CA ASP C 63 -29.49 -7.93 2.41
C ASP C 63 -28.69 -7.88 3.69
N LEU C 64 -28.22 -9.05 4.09
CA LEU C 64 -27.45 -9.23 5.31
C LEU C 64 -26.13 -9.92 5.02
N LYS C 65 -25.09 -9.64 5.81
CA LYS C 65 -23.79 -10.26 5.60
C LYS C 65 -23.67 -11.51 6.46
N VAL C 66 -23.13 -12.57 5.88
CA VAL C 66 -22.97 -13.80 6.63
C VAL C 66 -21.60 -14.39 6.35
N GLN C 67 -21.27 -15.46 7.07
CA GLN C 67 -19.98 -16.11 6.86
C GLN C 67 -20.09 -16.98 5.62
N PRO C 68 -19.12 -16.84 4.72
CA PRO C 68 -19.09 -17.60 3.46
C PRO C 68 -19.42 -19.09 3.54
N GLU C 69 -19.15 -19.74 4.68
CA GLU C 69 -19.46 -21.17 4.77
C GLU C 69 -20.93 -21.42 5.12
N LEU C 70 -21.70 -20.35 5.35
CA LEU C 70 -23.12 -20.48 5.66
C LEU C 70 -24.03 -20.04 4.51
N VAL C 71 -23.48 -19.36 3.51
CA VAL C 71 -24.27 -18.91 2.39
C VAL C 71 -24.95 -20.04 1.66
N GLY C 72 -24.25 -21.14 1.47
CA GLY C 72 -24.81 -22.29 0.79
C GLY C 72 -25.99 -22.92 1.51
N SER C 73 -25.86 -23.11 2.83
CA SER C 73 -26.92 -23.69 3.65
C SER C 73 -28.10 -22.75 3.89
N LEU C 74 -27.83 -21.48 4.14
CA LEU C 74 -28.89 -20.51 4.35
C LEU C 74 -29.76 -20.41 3.11
N ARG C 75 -29.14 -20.20 1.95
CA ARG C 75 -29.85 -20.08 0.68
C ARG C 75 -30.81 -21.22 0.40
N LYS C 76 -30.61 -22.34 1.10
CA LYS C 76 -31.46 -23.51 0.93
C LYS C 76 -32.78 -23.34 1.68
N LYS C 77 -32.80 -22.44 2.66
CA LYS C 77 -34.03 -22.20 3.40
C LYS C 77 -35.02 -21.45 2.53
N PRO C 78 -36.31 -21.57 2.86
CA PRO C 78 -37.34 -20.87 2.10
C PRO C 78 -37.38 -19.43 2.57
N GLY C 79 -37.38 -18.51 1.60
CA GLY C 79 -37.41 -17.10 1.91
C GLY C 79 -36.06 -16.41 1.80
N ILE C 80 -35.00 -17.21 1.69
CA ILE C 80 -33.65 -16.71 1.57
C ILE C 80 -33.18 -17.01 0.15
N TYR C 81 -32.69 -15.99 -0.53
CA TYR C 81 -32.22 -16.09 -1.91
C TYR C 81 -30.80 -15.57 -2.00
N PRO C 82 -30.15 -15.73 -3.18
CA PRO C 82 -28.79 -15.28 -3.42
C PRO C 82 -28.71 -13.75 -3.31
N ALA C 83 -27.59 -13.23 -2.82
CA ALA C 83 -27.45 -11.79 -2.68
C ALA C 83 -27.76 -11.02 -3.95
N TYR C 84 -28.58 -10.01 -3.82
CA TYR C 84 -28.96 -9.16 -4.95
C TYR C 84 -28.26 -7.82 -4.80
N HIS C 85 -27.51 -7.42 -5.83
CA HIS C 85 -26.75 -6.17 -5.84
C HIS C 85 -25.59 -6.16 -4.86
N MSE C 86 -25.27 -7.32 -4.29
CA MSE C 86 -24.17 -7.41 -3.34
C MSE C 86 -23.39 -8.66 -3.70
O MSE C 86 -23.82 -9.43 -4.55
CB MSE C 86 -24.69 -7.50 -1.91
CG MSE C 86 -25.43 -6.25 -1.44
SE MSE C 86 -24.23 -4.71 -1.26
CE MSE C 86 -23.93 -4.85 0.68
N ASN C 87 -22.25 -8.84 -3.06
CA ASN C 87 -21.40 -9.99 -3.32
C ASN C 87 -22.07 -11.27 -2.87
N LYS C 88 -22.24 -12.21 -3.79
CA LYS C 88 -22.92 -13.45 -3.46
C LYS C 88 -22.22 -14.42 -2.47
N GLU C 89 -20.89 -14.34 -2.36
CA GLU C 89 -20.17 -15.22 -1.46
C GLU C 89 -20.16 -14.71 -0.01
N HIS C 90 -20.59 -13.48 0.17
CA HIS C 90 -20.63 -12.89 1.51
C HIS C 90 -21.99 -12.36 1.94
N TRP C 91 -22.87 -12.13 0.98
CA TRP C 91 -24.19 -11.61 1.30
C TRP C 91 -25.33 -12.56 0.99
N ILE C 92 -26.47 -12.26 1.61
CA ILE C 92 -27.69 -13.03 1.53
C ILE C 92 -28.84 -12.06 1.37
N THR C 93 -29.87 -12.47 0.63
CA THR C 93 -31.04 -11.61 0.45
C THR C 93 -32.24 -12.28 1.12
N VAL C 94 -32.79 -11.66 2.15
CA VAL C 94 -33.93 -12.25 2.84
C VAL C 94 -35.19 -11.53 2.39
N LEU C 95 -36.19 -12.32 2.01
CA LEU C 95 -37.44 -11.76 1.54
C LEU C 95 -38.36 -11.38 2.71
N LEU C 96 -38.72 -10.10 2.80
CA LEU C 96 -39.61 -9.59 3.84
C LEU C 96 -41.05 -9.88 3.45
N ASN C 97 -41.91 -10.04 4.46
CA ASN C 97 -43.31 -10.38 4.27
C ASN C 97 -43.24 -11.77 3.65
N GLY C 98 -42.22 -12.52 4.09
CA GLY C 98 -41.98 -13.87 3.59
C GLY C 98 -42.03 -14.96 4.64
N PRO C 99 -41.74 -16.22 4.25
CA PRO C 99 -41.73 -17.38 5.15
C PRO C 99 -40.69 -17.42 6.27
N LEU C 100 -39.71 -16.53 6.21
CA LEU C 100 -38.65 -16.53 7.21
C LEU C 100 -39.18 -15.87 8.49
N GLY C 101 -38.94 -16.52 9.62
CA GLY C 101 -39.41 -15.99 10.88
C GLY C 101 -38.69 -14.76 11.40
N ALA C 102 -39.45 -13.83 12.00
CA ALA C 102 -38.86 -12.63 12.57
C ALA C 102 -37.73 -13.01 13.54
N LYS C 103 -37.91 -14.08 14.33
CA LYS C 103 -36.85 -14.46 15.25
C LYS C 103 -35.58 -14.81 14.47
N GLU C 104 -35.71 -15.72 13.50
CA GLU C 104 -34.57 -16.15 12.66
C GLU C 104 -33.96 -14.92 11.97
N ILE C 105 -34.82 -13.98 11.56
CA ILE C 105 -34.35 -12.78 10.91
C ILE C 105 -33.59 -11.90 11.89
N HIS C 106 -34.09 -11.77 13.12
CA HIS C 106 -33.40 -10.92 14.10
C HIS C 106 -31.99 -11.38 14.35
N SER C 107 -31.80 -12.70 14.42
CA SER C 107 -30.47 -13.25 14.67
C SER C 107 -29.56 -12.99 13.48
N LEU C 108 -30.09 -13.13 12.27
CA LEU C 108 -29.33 -12.87 11.04
C LEU C 108 -28.92 -11.38 11.02
N ILE C 109 -29.85 -10.51 11.42
CA ILE C 109 -29.57 -9.07 11.49
C ILE C 109 -28.39 -8.88 12.47
N GLU C 110 -28.39 -9.66 13.55
CA GLU C 110 -27.32 -9.59 14.56
C GLU C 110 -26.01 -10.08 13.97
N ASP C 111 -26.05 -11.22 13.31
CA ASP C 111 -24.86 -11.78 12.72
C ASP C 111 -24.19 -10.81 11.73
N SER C 112 -25.00 -10.15 10.90
CA SER C 112 -24.48 -9.18 9.92
C SER C 112 -23.89 -7.99 10.64
N PHE C 113 -24.52 -7.62 11.75
CA PHE C 113 -24.05 -6.48 12.56
C PHE C 113 -22.65 -6.77 13.13
N GLN C 114 -22.50 -7.92 13.80
CA GLN C 114 -21.23 -8.32 14.40
C GLN C 114 -20.16 -8.60 13.35
N LEU C 115 -20.57 -9.07 12.18
CA LEU C 115 -19.64 -9.39 11.11
C LEU C 115 -19.03 -8.14 10.52
N THR C 116 -19.63 -6.99 10.83
CA THR C 116 -19.18 -5.72 10.31
C THR C 116 -18.84 -4.69 11.40
N ARG C 117 -18.72 -5.18 12.63
CA ARG C 117 -18.41 -4.36 13.81
C ARG C 117 -17.00 -3.74 13.68
N MSE D 1 41.67 13.84 7.18
CA MSE D 1 41.15 12.75 8.03
C MSE D 1 41.24 11.43 7.26
O MSE D 1 40.95 11.37 6.08
CB MSE D 1 39.71 13.02 8.42
CG MSE D 1 39.12 12.01 9.40
SE MSE D 1 37.26 12.33 9.77
CE MSE D 1 36.50 11.39 8.28
N ASN D 2 41.65 10.37 7.96
CA ASN D 2 41.79 9.06 7.33
C ASN D 2 40.79 8.04 7.86
N ARG D 3 40.79 6.89 7.20
CA ARG D 3 39.91 5.77 7.53
C ARG D 3 39.84 5.49 9.03
N GLN D 4 41.00 5.41 9.68
CA GLN D 4 41.09 5.13 11.10
C GLN D 4 40.41 6.19 11.98
N GLN D 5 40.85 7.44 11.83
CA GLN D 5 40.31 8.54 12.63
C GLN D 5 38.81 8.68 12.49
N PHE D 6 38.31 8.29 11.31
CA PHE D 6 36.89 8.35 11.03
C PHE D 6 36.09 7.32 11.84
N ILE D 7 36.40 6.03 11.68
CA ILE D 7 35.65 5.01 12.42
C ILE D 7 35.71 5.26 13.93
N ASP D 8 36.78 5.91 14.38
CA ASP D 8 36.94 6.21 15.79
C ASP D 8 36.01 7.34 16.17
N TYR D 9 35.98 8.40 15.37
CA TYR D 9 35.09 9.51 15.69
C TYR D 9 33.63 9.05 15.80
N ALA D 10 33.22 8.15 14.91
CA ALA D 10 31.86 7.63 14.91
C ALA D 10 31.55 6.85 16.19
N GLN D 11 32.52 6.05 16.62
CA GLN D 11 32.38 5.24 17.83
C GLN D 11 32.21 6.10 19.08
N LYS D 12 32.92 7.22 19.14
CA LYS D 12 32.83 8.10 20.31
C LYS D 12 31.66 9.08 20.24
N LYS D 13 31.55 9.82 19.14
CA LYS D 13 30.48 10.80 19.00
C LYS D 13 29.10 10.23 18.77
N TYR D 14 29.02 8.94 18.47
CA TYR D 14 27.71 8.35 18.22
C TYR D 14 27.58 6.98 18.86
N ASP D 15 28.68 6.43 19.34
CA ASP D 15 28.66 5.11 19.96
C ASP D 15 28.10 4.07 18.99
N THR D 16 28.54 4.16 17.73
CA THR D 16 28.10 3.25 16.68
C THR D 16 29.23 2.31 16.29
N LYS D 17 28.90 1.03 16.16
CA LYS D 17 29.89 0.03 15.76
C LYS D 17 29.78 -0.17 14.23
N PRO D 18 30.92 -0.11 13.52
CA PRO D 18 30.92 -0.30 12.07
C PRO D 18 30.43 -1.67 11.62
N ASP D 19 29.58 -1.68 10.60
CA ASP D 19 29.03 -2.91 10.05
C ASP D 19 29.64 -3.22 8.68
N HIS D 20 29.69 -4.49 8.33
CA HIS D 20 30.25 -4.89 7.06
C HIS D 20 29.29 -5.83 6.37
N PRO D 21 28.32 -5.28 5.65
CA PRO D 21 27.31 -6.04 4.93
C PRO D 21 27.84 -6.90 3.80
N TRP D 22 28.83 -6.38 3.07
CA TRP D 22 29.41 -7.08 1.93
C TRP D 22 30.55 -8.01 2.28
N GLU D 23 30.36 -9.28 1.97
CA GLU D 23 31.35 -10.29 2.24
C GLU D 23 32.53 -10.11 1.28
N LYS D 24 32.19 -9.79 0.04
CA LYS D 24 33.17 -9.59 -1.02
C LYS D 24 34.10 -8.41 -0.74
N PHE D 25 33.59 -7.41 -0.02
CA PHE D 25 34.38 -6.22 0.29
C PHE D 25 34.51 -5.99 1.80
N PRO D 26 35.55 -6.57 2.42
CA PRO D 26 35.80 -6.45 3.86
C PRO D 26 35.97 -5.01 4.32
N ASP D 27 36.42 -4.14 3.42
CA ASP D 27 36.64 -2.75 3.73
C ASP D 27 35.41 -1.90 3.82
N TYR D 28 34.53 -2.08 2.87
CA TYR D 28 33.29 -1.31 2.88
C TYR D 28 32.64 -1.46 4.25
N ALA D 29 32.33 -0.34 4.90
CA ALA D 29 31.70 -0.36 6.21
C ALA D 29 30.59 0.67 6.27
N VAL D 30 29.43 0.29 6.79
CA VAL D 30 28.33 1.23 6.91
C VAL D 30 28.09 1.60 8.37
N PHE D 31 27.52 2.78 8.59
CA PHE D 31 27.21 3.25 9.93
C PHE D 31 25.73 3.59 9.96
N ARG D 32 24.99 2.91 10.83
CA ARG D 32 23.56 3.17 10.93
C ARG D 32 23.10 3.32 12.37
N HIS D 33 21.82 3.67 12.52
CA HIS D 33 21.21 3.86 13.83
C HIS D 33 20.71 2.51 14.31
N SER D 34 20.65 2.33 15.63
CA SER D 34 20.18 1.08 16.20
C SER D 34 18.65 1.04 16.12
N ASP D 35 18.06 2.23 15.98
CA ASP D 35 16.62 2.43 15.87
C ASP D 35 16.06 1.88 14.56
N ASN D 36 16.09 2.71 13.53
CA ASN D 36 15.58 2.33 12.21
C ASN D 36 16.57 1.64 11.28
N ASP D 37 17.78 1.40 11.76
CA ASP D 37 18.79 0.73 10.95
C ASP D 37 19.10 1.52 9.67
N LYS D 38 18.91 2.84 9.72
CA LYS D 38 19.18 3.68 8.56
C LYS D 38 20.65 4.08 8.48
N TRP D 39 21.24 3.87 7.31
CA TRP D 39 22.64 4.20 7.06
C TRP D 39 22.80 5.69 7.03
N TYR D 40 23.84 6.21 7.68
CA TYR D 40 24.08 7.65 7.65
C TYR D 40 25.52 7.92 7.25
N ALA D 41 26.26 6.85 6.97
CA ALA D 41 27.65 6.92 6.58
C ALA D 41 28.09 5.61 5.89
N LEU D 42 28.75 5.74 4.74
CA LEU D 42 29.23 4.59 3.97
C LEU D 42 30.74 4.76 3.72
N LEU D 43 31.54 3.94 4.39
CA LEU D 43 32.98 3.98 4.26
C LEU D 43 33.39 2.96 3.20
N MSE D 44 34.19 3.39 2.23
CA MSE D 44 34.64 2.50 1.16
C MSE D 44 36.04 2.79 0.68
O MSE D 44 36.50 3.93 0.71
CB MSE D 44 33.74 2.61 -0.06
CG MSE D 44 32.32 2.17 0.16
SE MSE D 44 31.31 2.45 -1.43
CE MSE D 44 30.87 4.33 -1.19
N ASP D 45 36.69 1.75 0.20
CA ASP D 45 38.02 1.85 -0.37
C ASP D 45 37.80 1.58 -1.86
N ILE D 46 37.92 2.60 -2.70
CA ILE D 46 37.69 2.42 -4.13
C ILE D 46 38.79 2.91 -5.06
N PRO D 47 38.75 2.49 -6.33
CA PRO D 47 39.75 2.92 -7.31
C PRO D 47 39.51 4.42 -7.60
N ALA D 48 40.57 5.22 -7.48
CA ALA D 48 40.45 6.66 -7.71
C ALA D 48 39.60 6.99 -8.95
N GLU D 49 39.78 6.22 -10.03
CA GLU D 49 39.05 6.43 -11.29
C GLU D 49 37.52 6.50 -11.14
N LYS D 50 36.93 5.56 -10.40
CA LYS D 50 35.49 5.52 -10.17
C LYS D 50 34.83 6.86 -9.78
N ILE D 51 35.61 7.83 -9.29
CA ILE D 51 35.03 9.14 -8.94
C ILE D 51 35.73 10.31 -9.64
N GLY D 52 36.28 10.04 -10.82
CA GLY D 52 36.92 11.09 -11.59
C GLY D 52 38.38 11.39 -11.33
N ILE D 53 38.84 11.18 -10.10
CA ILE D 53 40.24 11.46 -9.88
C ILE D 53 41.05 10.37 -10.62
N ASN D 54 42.07 10.82 -11.35
CA ASN D 54 42.95 9.96 -12.16
C ASN D 54 44.04 9.22 -11.34
N GLY D 55 45.13 8.82 -11.98
CA GLY D 55 46.19 8.08 -11.28
C GLY D 55 45.71 6.65 -10.96
N ASP D 56 46.52 5.64 -11.29
CA ASP D 56 46.12 4.24 -11.02
C ASP D 56 46.34 3.96 -9.53
N LYS D 57 45.52 4.61 -8.72
CA LYS D 57 45.60 4.48 -7.28
C LYS D 57 44.24 4.28 -6.65
N ARG D 58 44.22 3.80 -5.41
CA ARG D 58 42.95 3.60 -4.69
C ARG D 58 42.76 4.85 -3.79
N VAL D 59 41.55 5.00 -3.26
CA VAL D 59 41.20 6.10 -2.34
C VAL D 59 40.16 5.64 -1.29
N ASP D 60 40.16 6.25 -0.11
CA ASP D 60 39.17 5.91 0.91
C ASP D 60 38.21 7.07 0.97
N VAL D 61 36.92 6.77 0.79
CA VAL D 61 35.89 7.80 0.78
C VAL D 61 34.71 7.42 1.70
N ILE D 62 33.96 8.43 2.13
CA ILE D 62 32.80 8.16 2.96
C ILE D 62 31.61 8.85 2.29
N ASP D 63 30.48 8.17 2.29
CA ASP D 63 29.26 8.69 1.72
C ASP D 63 28.37 9.16 2.84
N LEU D 64 27.89 10.39 2.70
CA LEU D 64 27.04 11.05 3.67
C LEU D 64 25.76 11.54 3.03
N LYS D 65 24.66 11.59 3.78
CA LYS D 65 23.39 12.06 3.24
C LYS D 65 23.23 13.56 3.50
N VAL D 66 22.77 14.28 2.50
CA VAL D 66 22.58 15.71 2.66
C VAL D 66 21.24 16.11 2.08
N GLN D 67 20.87 17.36 2.26
CA GLN D 67 19.62 17.85 1.73
C GLN D 67 19.82 18.13 0.24
N PRO D 68 18.91 17.62 -0.59
CA PRO D 68 18.98 17.79 -2.05
C PRO D 68 19.32 19.19 -2.57
N GLU D 69 18.98 20.25 -1.83
CA GLU D 69 19.33 21.59 -2.31
C GLU D 69 20.77 21.98 -2.00
N LEU D 70 21.49 21.10 -1.30
CA LEU D 70 22.89 21.36 -0.96
C LEU D 70 23.86 20.51 -1.77
N VAL D 71 23.37 19.47 -2.43
CA VAL D 71 24.23 18.60 -3.21
C VAL D 71 24.98 19.35 -4.30
N GLY D 72 24.29 20.27 -4.96
CA GLY D 72 24.92 21.04 -6.02
C GLY D 72 26.07 21.91 -5.53
N SER D 73 25.86 22.64 -4.43
CA SER D 73 26.86 23.52 -3.85
C SER D 73 28.02 22.78 -3.16
N LEU D 74 27.71 21.73 -2.43
CA LEU D 74 28.75 20.93 -1.77
C LEU D 74 29.70 20.34 -2.80
N ARG D 75 29.14 19.65 -3.80
CA ARG D 75 29.94 19.04 -4.85
C ARG D 75 30.94 19.98 -5.51
N LYS D 76 30.70 21.29 -5.36
CA LYS D 76 31.57 22.30 -5.94
C LYS D 76 32.83 22.47 -5.10
N LYS D 77 32.79 22.04 -3.84
CA LYS D 77 33.95 22.17 -2.99
C LYS D 77 34.99 21.14 -3.41
N PRO D 78 36.25 21.39 -3.05
CA PRO D 78 37.32 20.46 -3.39
C PRO D 78 37.31 19.33 -2.37
N GLY D 79 37.34 18.11 -2.88
CA GLY D 79 37.34 16.95 -2.00
C GLY D 79 35.98 16.26 -1.90
N ILE D 80 34.96 16.93 -2.40
CA ILE D 80 33.60 16.40 -2.40
C ILE D 80 33.25 16.07 -3.85
N TYR D 81 32.79 14.85 -4.08
CA TYR D 81 32.42 14.38 -5.40
C TYR D 81 30.99 13.84 -5.37
N PRO D 82 30.44 13.49 -6.55
CA PRO D 82 29.08 12.95 -6.68
C PRO D 82 28.96 11.61 -5.97
N ALA D 83 27.81 11.34 -5.37
CA ALA D 83 27.63 10.08 -4.65
C ALA D 83 28.02 8.85 -5.47
N TYR D 84 28.82 7.98 -4.86
CA TYR D 84 29.25 6.76 -5.50
C TYR D 84 28.51 5.60 -4.86
N HIS D 85 27.85 4.79 -5.69
CA HIS D 85 27.06 3.63 -5.24
C HIS D 85 25.84 4.01 -4.40
N MSE D 86 25.51 5.30 -4.39
CA MSE D 86 24.35 5.78 -3.65
C MSE D 86 23.62 6.75 -4.55
O MSE D 86 24.13 7.11 -5.60
CB MSE D 86 24.77 6.47 -2.36
CG MSE D 86 25.44 5.54 -1.35
SE MSE D 86 24.24 4.21 -0.58
CE MSE D 86 23.77 5.13 1.06
N ASN D 87 22.42 7.16 -4.14
CA ASN D 87 21.60 8.08 -4.91
C ASN D 87 22.26 9.46 -4.99
N LYS D 88 22.51 9.93 -6.19
CA LYS D 88 23.18 11.21 -6.35
C LYS D 88 22.43 12.48 -5.91
N GLU D 89 21.11 12.44 -5.87
CA GLU D 89 20.35 13.61 -5.46
C GLU D 89 20.24 13.74 -3.93
N HIS D 90 20.63 12.70 -3.22
CA HIS D 90 20.57 12.72 -1.77
C HIS D 90 21.89 12.44 -1.07
N TRP D 91 22.83 11.84 -1.79
CA TRP D 91 24.11 11.51 -1.18
C TRP D 91 25.29 12.26 -1.80
N ILE D 92 26.37 12.28 -1.01
CA ILE D 92 27.62 12.96 -1.33
C ILE D 92 28.75 12.02 -0.98
N THR D 93 29.84 12.09 -1.73
CA THR D 93 30.99 11.24 -1.46
C THR D 93 32.14 12.15 -1.06
N VAL D 94 32.63 12.01 0.17
CA VAL D 94 33.74 12.85 0.62
C VAL D 94 35.02 12.04 0.60
N LEU D 95 36.04 12.63 -0.01
CA LEU D 95 37.31 11.95 -0.12
C LEU D 95 38.15 12.10 1.15
N LEU D 96 38.47 10.97 1.79
CA LEU D 96 39.28 10.93 3.00
C LEU D 96 40.74 11.07 2.62
N ASN D 97 41.53 11.63 3.54
CA ASN D 97 42.96 11.88 3.31
C ASN D 97 42.96 12.89 2.17
N GLY D 98 41.93 13.74 2.18
CA GLY D 98 41.78 14.76 1.16
C GLY D 98 41.76 16.19 1.67
N PRO D 99 41.50 17.17 0.78
CA PRO D 99 41.45 18.60 1.12
C PRO D 99 40.34 19.07 2.05
N LEU D 100 39.34 18.23 2.29
CA LEU D 100 38.23 18.62 3.14
C LEU D 100 38.65 18.57 4.61
N GLY D 101 38.34 19.61 5.36
CA GLY D 101 38.73 19.67 6.76
C GLY D 101 37.95 18.78 7.69
N ALA D 102 38.66 18.18 8.65
CA ALA D 102 38.01 17.31 9.65
C ALA D 102 36.82 18.03 10.30
N LYS D 103 36.95 19.34 10.56
CA LYS D 103 35.83 20.06 11.17
C LYS D 103 34.62 20.03 10.23
N GLU D 104 34.85 20.46 8.99
CA GLU D 104 33.78 20.49 7.98
C GLU D 104 33.21 19.08 7.81
N ILE D 105 34.08 18.07 7.89
CA ILE D 105 33.62 16.70 7.77
C ILE D 105 32.79 16.29 8.97
N HIS D 106 33.19 16.67 10.17
CA HIS D 106 32.43 16.31 11.37
C HIS D 106 31.00 16.81 11.31
N SER D 107 30.82 18.03 10.81
CA SER D 107 29.50 18.63 10.71
C SER D 107 28.66 17.87 9.67
N LEU D 108 29.27 17.49 8.55
CA LEU D 108 28.59 16.75 7.50
C LEU D 108 28.16 15.37 8.05
N ILE D 109 29.04 14.77 8.84
CA ILE D 109 28.73 13.48 9.48
C ILE D 109 27.48 13.71 10.36
N GLU D 110 27.42 14.85 11.03
CA GLU D 110 26.30 15.20 11.92
C GLU D 110 25.02 15.41 11.09
N ASP D 111 25.15 16.16 10.01
CA ASP D 111 24.02 16.41 9.15
C ASP D 111 23.39 15.11 8.61
N SER D 112 24.24 14.17 8.17
CA SER D 112 23.78 12.89 7.66
C SER D 112 23.10 12.09 8.77
N PHE D 113 23.65 12.20 9.97
CA PHE D 113 23.11 11.51 11.15
C PHE D 113 21.69 11.98 11.47
N GLN D 114 21.51 13.29 11.58
CA GLN D 114 20.21 13.90 11.87
C GLN D 114 19.20 13.72 10.74
N LEU D 115 19.70 13.64 9.51
CA LEU D 115 18.85 13.50 8.33
C LEU D 115 18.26 12.09 8.27
N THR D 116 18.82 11.18 9.06
CA THR D 116 18.39 9.80 9.08
C THR D 116 17.97 9.32 10.47
N ARG D 117 17.77 10.28 11.37
CA ARG D 117 17.38 10.02 12.77
C ARG D 117 15.98 9.40 12.82
#